data_6PXP
#
_entry.id   6PXP
#
_cell.length_a   50.060
_cell.length_b   130.350
_cell.length_c   51.650
_cell.angle_alpha   90.00
_cell.angle_beta   113.47
_cell.angle_gamma   90.00
#
_symmetry.space_group_name_H-M   'P 1 21 1'
#
loop_
_entity.id
_entity.type
_entity.pdbx_description
1 polymer 'Casein kinase I isoform delta'
2 non-polymer 'SULFATE ION'
3 water water
#
_entity_poly.entity_id   1
_entity_poly.type   'polypeptide(L)'
_entity_poly.pdbx_seq_one_letter_code
;MELRVGNRYRLGRKIGSGSFGDIYLGTDIAAGEEVAIKLECVKTKHPQLHIESKIYKMMQGGVGIPTIRWCGAEGDYNVM
VMELLGPSLEDLFNFCSRKFSLKTVLLLADQMISRIEYIHSKNFIHRDVKPDNFLMGLGKKGNLVYIIDFGLAKKYRDAR
THQHIPYRENENLTGTARYASINTHLGIEQSRRDDLESLGYVLMYFNLGSLPWQGLKAATKRQKYERISEKKMSTPIEVL
CKGYPSEFATYLNFCRSLRFDDKPDYSYLRQLFRNLFHRQGFSYDYVFDWNMLK
;
_entity_poly.pdbx_strand_id   A,B
#
loop_
_chem_comp.id
_chem_comp.type
_chem_comp.name
_chem_comp.formula
SO4 non-polymer 'SULFATE ION' 'O4 S -2'
#
# COMPACT_ATOMS: atom_id res chain seq x y z
N GLU A 2 -23.82 5.46 3.11
CA GLU A 2 -23.08 5.75 1.90
C GLU A 2 -21.92 6.65 2.29
N LEU A 3 -20.73 6.05 2.45
CA LEU A 3 -19.61 6.76 3.03
C LEU A 3 -18.93 7.62 1.98
N ARG A 4 -19.08 8.95 2.12
CA ARG A 4 -18.53 9.94 1.21
C ARG A 4 -17.86 11.04 2.01
N VAL A 5 -16.96 11.77 1.36
CA VAL A 5 -16.42 13.00 1.94
C VAL A 5 -17.34 14.09 1.43
N GLY A 6 -18.21 14.59 2.31
CA GLY A 6 -19.02 15.74 2.04
C GLY A 6 -19.85 15.59 0.79
N ASN A 7 -20.58 14.48 0.64
CA ASN A 7 -21.54 14.33 -0.46
C ASN A 7 -20.95 14.28 -1.87
N ARG A 8 -19.63 14.25 -2.02
CA ARG A 8 -19.01 14.46 -3.33
C ARG A 8 -18.15 13.31 -3.83
N TYR A 9 -17.23 12.83 -2.99
CA TYR A 9 -16.29 11.78 -3.37
C TYR A 9 -16.60 10.57 -2.52
N ARG A 10 -16.94 9.47 -3.16
CA ARG A 10 -17.16 8.24 -2.45
C ARG A 10 -15.80 7.64 -2.07
N LEU A 11 -15.67 7.21 -0.83
CA LEU A 11 -14.41 6.68 -0.35
C LEU A 11 -14.23 5.23 -0.79
N GLY A 12 -13.01 4.91 -1.19
CA GLY A 12 -12.68 3.57 -1.61
C GLY A 12 -11.60 2.96 -0.76
N ARG A 13 -10.95 1.94 -1.30
CA ARG A 13 -9.93 1.19 -0.59
C ARG A 13 -8.63 2.01 -0.44
N LYS A 14 -7.80 1.55 0.51
CA LYS A 14 -6.48 2.11 0.71
C LYS A 14 -5.65 1.90 -0.54
N ILE A 15 -5.00 2.96 -1.01
CA ILE A 15 -4.15 2.90 -2.19
C ILE A 15 -2.71 3.29 -1.89
N GLY A 16 -2.40 3.70 -0.68
CA GLY A 16 -1.03 4.00 -0.36
C GLY A 16 -0.92 4.63 1.01
N SER A 17 0.33 4.73 1.46
CA SER A 17 0.73 5.53 2.61
C SER A 17 1.57 6.71 2.15
N GLY A 18 1.55 7.76 2.95
CA GLY A 18 2.44 8.87 2.72
C GLY A 18 3.07 9.22 4.05
N SER A 19 3.77 10.33 4.12
CA SER A 19 4.02 10.94 5.41
C SER A 19 2.70 11.25 6.11
N PHE A 20 2.55 10.77 7.34
CA PHE A 20 1.56 11.28 8.29
C PHE A 20 0.12 10.89 7.95
N GLY A 21 -0.10 9.76 7.30
CA GLY A 21 -1.47 9.32 7.06
C GLY A 21 -1.51 8.31 5.94
N ASP A 22 -2.72 7.81 5.70
CA ASP A 22 -2.93 6.87 4.61
C ASP A 22 -3.74 7.52 3.49
N ILE A 23 -3.61 6.94 2.31
CA ILE A 23 -4.28 7.43 1.11
C ILE A 23 -5.32 6.41 0.69
N TYR A 24 -6.48 6.90 0.29
CA TYR A 24 -7.58 6.06 -0.11
C TYR A 24 -8.06 6.55 -1.46
N LEU A 25 -8.67 5.63 -2.21
CA LEU A 25 -9.25 5.98 -3.49
C LEU A 25 -10.56 6.73 -3.25
N GLY A 26 -10.90 7.59 -4.20
CA GLY A 26 -12.11 8.37 -4.10
C GLY A 26 -12.71 8.48 -5.48
N THR A 27 -14.02 8.68 -5.54
CA THR A 27 -14.68 8.88 -6.82
C THR A 27 -15.50 10.14 -6.76
N ASP A 28 -15.11 11.11 -7.57
CA ASP A 28 -15.85 12.36 -7.73
C ASP A 28 -17.07 12.04 -8.58
N ILE A 29 -18.22 11.86 -7.93
CA ILE A 29 -19.45 11.71 -8.70
C ILE A 29 -19.81 13.01 -9.38
N ALA A 30 -19.30 14.14 -8.84
CA ALA A 30 -19.62 15.45 -9.40
C ALA A 30 -18.94 15.64 -10.75
N ALA A 31 -17.64 15.35 -10.83
CA ALA A 31 -16.98 15.34 -12.12
C ALA A 31 -17.13 13.87 -12.54
N GLY A 32 -16.03 13.25 -12.95
CA GLY A 32 -16.11 11.88 -13.43
C GLY A 32 -14.81 11.17 -13.18
N GLU A 33 -13.88 11.86 -12.52
CA GLU A 33 -12.54 11.36 -12.28
C GLU A 33 -12.45 10.72 -10.91
N GLU A 34 -11.55 9.76 -10.79
CA GLU A 34 -11.11 9.30 -9.49
C GLU A 34 -10.13 10.30 -8.90
N VAL A 35 -10.05 10.31 -7.56
CA VAL A 35 -9.17 11.21 -6.83
C VAL A 35 -8.48 10.39 -5.76
N ALA A 36 -7.40 10.93 -5.23
CA ALA A 36 -6.74 10.37 -4.06
C ALA A 36 -7.17 11.18 -2.84
N ILE A 37 -7.46 10.49 -1.75
CA ILE A 37 -7.99 11.11 -0.54
C ILE A 37 -7.05 10.77 0.61
N LYS A 38 -6.44 11.81 1.19
CA LYS A 38 -5.52 11.64 2.30
C LYS A 38 -6.26 11.92 3.60
N LEU A 39 -6.09 11.02 4.57
CA LEU A 39 -6.79 11.09 5.85
C LEU A 39 -5.75 11.06 6.96
N GLU A 40 -5.92 11.95 7.93
CA GLU A 40 -5.03 12.01 9.09
C GLU A 40 -5.87 12.00 10.36
N CYS A 41 -5.52 11.10 11.28
CA CYS A 41 -6.24 11.03 12.55
C CYS A 41 -6.02 12.31 13.35
N VAL A 42 -7.10 12.97 13.75
CA VAL A 42 -6.97 14.27 14.40
C VAL A 42 -6.38 14.14 15.81
N LYS A 43 -6.20 12.91 16.31
CA LYS A 43 -5.75 12.71 17.68
C LYS A 43 -4.21 12.72 17.74
N THR A 44 -3.64 13.92 17.68
CA THR A 44 -2.20 14.11 17.81
C THR A 44 -1.95 15.52 18.29
N LYS A 45 -0.83 15.69 19.00
CA LYS A 45 -0.41 17.02 19.42
C LYS A 45 0.28 17.80 18.31
N HIS A 46 0.61 17.16 17.18
CA HIS A 46 1.36 17.81 16.09
C HIS A 46 0.74 17.50 14.73
N PRO A 47 -0.49 17.97 14.49
CA PRO A 47 -1.14 17.64 13.21
C PRO A 47 -0.40 18.26 12.03
N GLN A 48 -0.44 17.57 10.89
CA GLN A 48 0.37 17.96 9.74
C GLN A 48 -0.40 18.16 8.44
N LEU A 49 -1.62 17.63 8.31
CA LEU A 49 -2.24 17.62 6.99
C LEU A 49 -2.56 19.03 6.50
N HIS A 50 -3.13 19.85 7.38
CA HIS A 50 -3.44 21.24 7.03
C HIS A 50 -2.19 21.99 6.59
N ILE A 51 -1.09 21.82 7.33
CA ILE A 51 0.17 22.45 6.94
C ILE A 51 0.59 21.99 5.54
N GLU A 52 0.59 20.67 5.32
CA GLU A 52 1.03 20.14 4.03
C GLU A 52 0.17 20.67 2.90
N SER A 53 -1.13 20.83 3.15
CA SER A 53 -1.99 21.32 2.09
C SER A 53 -1.79 22.81 1.84
N LYS A 54 -1.26 23.58 2.81
CA LYS A 54 -0.92 24.96 2.45
C LYS A 54 0.29 25.01 1.51
N ILE A 55 1.28 24.14 1.71
CA ILE A 55 2.41 24.09 0.80
C ILE A 55 1.96 23.74 -0.62
N TYR A 56 1.12 22.72 -0.76
CA TYR A 56 0.53 22.43 -2.05
C TYR A 56 -0.10 23.67 -2.68
N LYS A 57 -0.79 24.49 -1.86
CA LYS A 57 -1.49 25.66 -2.36
C LYS A 57 -0.51 26.72 -2.83
N MET A 58 0.64 26.83 -2.16
CA MET A 58 1.68 27.72 -2.66
C MET A 58 2.31 27.21 -3.95
N MET A 59 2.25 25.90 -4.20
CA MET A 59 2.87 25.35 -5.41
C MET A 59 1.92 25.16 -6.57
N GLN A 60 0.72 25.75 -6.55
CA GLN A 60 -0.22 25.41 -7.61
C GLN A 60 0.09 26.22 -8.87
N GLY A 61 -0.07 25.59 -10.03
CA GLY A 61 0.33 26.19 -11.28
C GLY A 61 1.73 25.85 -11.75
N GLY A 62 2.58 25.31 -10.88
CA GLY A 62 3.84 24.76 -11.34
C GLY A 62 3.61 23.50 -12.17
N VAL A 63 4.44 23.33 -13.20
CA VAL A 63 4.46 22.05 -13.90
C VAL A 63 4.69 20.94 -12.89
N GLY A 64 3.94 19.85 -13.03
CA GLY A 64 4.23 18.66 -12.26
C GLY A 64 3.91 18.78 -10.79
N ILE A 65 3.02 19.68 -10.42
CA ILE A 65 2.54 19.79 -9.03
C ILE A 65 1.07 19.41 -9.02
N PRO A 66 0.67 18.38 -8.27
CA PRO A 66 -0.74 17.97 -8.26
C PRO A 66 -1.62 19.01 -7.60
N THR A 67 -2.84 19.15 -8.11
CA THR A 67 -3.81 20.00 -7.45
C THR A 67 -4.49 19.27 -6.30
N ILE A 68 -4.66 19.98 -5.18
CA ILE A 68 -5.27 19.43 -3.97
C ILE A 68 -6.45 20.29 -3.53
N ARG A 69 -7.14 19.83 -2.49
CA ARG A 69 -8.34 20.48 -1.95
C ARG A 69 -8.46 20.10 -0.48
N TRP A 70 -8.07 21.03 0.40
CA TRP A 70 -8.18 20.82 1.85
C TRP A 70 -9.63 20.93 2.28
N CYS A 71 -10.24 19.81 2.66
CA CYS A 71 -11.64 19.77 3.05
C CYS A 71 -11.86 19.72 4.56
N GLY A 72 -10.84 20.04 5.34
CA GLY A 72 -11.08 20.18 6.77
C GLY A 72 -11.32 18.84 7.45
N ALA A 73 -11.84 18.93 8.68
CA ALA A 73 -12.02 17.77 9.54
C ALA A 73 -13.44 17.26 9.47
N GLU A 74 -13.57 15.95 9.26
CA GLU A 74 -14.84 15.23 9.33
C GLU A 74 -14.67 14.27 10.49
N GLY A 75 -15.21 14.65 11.66
CA GLY A 75 -15.08 13.83 12.84
C GLY A 75 -13.64 13.59 13.24
N ASP A 76 -13.17 12.36 13.10
CA ASP A 76 -11.83 12.01 13.57
C ASP A 76 -10.73 12.18 12.54
N TYR A 77 -11.04 12.65 11.33
CA TYR A 77 -10.02 12.72 10.30
C TYR A 77 -9.98 14.09 9.64
N ASN A 78 -8.77 14.61 9.50
CA ASN A 78 -8.52 15.65 8.52
C ASN A 78 -8.46 15.02 7.14
N VAL A 79 -9.07 15.69 6.16
CA VAL A 79 -9.23 15.17 4.81
C VAL A 79 -8.56 16.14 3.86
N MET A 80 -7.80 15.60 2.90
CA MET A 80 -7.28 16.37 1.77
C MET A 80 -7.48 15.56 0.49
N VAL A 81 -8.22 16.12 -0.46
CA VAL A 81 -8.47 15.48 -1.75
C VAL A 81 -7.39 15.92 -2.74
N MET A 82 -6.80 14.96 -3.44
CA MET A 82 -5.70 15.26 -4.36
C MET A 82 -5.98 14.66 -5.72
N GLU A 83 -5.41 15.31 -6.73
CA GLU A 83 -5.33 14.75 -8.07
C GLU A 83 -4.80 13.33 -8.00
N LEU A 84 -5.53 12.40 -8.56
CA LEU A 84 -5.01 11.05 -8.72
C LEU A 84 -4.08 11.03 -9.92
N LEU A 85 -2.86 10.58 -9.72
CA LEU A 85 -1.94 10.51 -10.85
C LEU A 85 -1.69 9.06 -11.21
N GLY A 86 -0.71 8.84 -12.08
CA GLY A 86 -0.34 7.51 -12.53
C GLY A 86 0.64 6.87 -11.57
N PRO A 87 1.31 5.80 -12.00
CA PRO A 87 2.21 5.07 -11.10
C PRO A 87 3.43 5.90 -10.72
N SER A 88 3.99 5.56 -9.56
CA SER A 88 5.22 6.14 -9.08
C SER A 88 6.40 5.60 -9.86
N LEU A 89 7.54 6.31 -9.76
CA LEU A 89 8.75 5.86 -10.42
C LEU A 89 9.25 4.56 -9.81
N GLU A 90 9.02 4.34 -8.50
CA GLU A 90 9.32 3.05 -7.92
C GLU A 90 8.44 1.96 -8.54
N ASP A 91 7.17 2.27 -8.79
CA ASP A 91 6.29 1.32 -9.47
C ASP A 91 6.77 1.03 -10.88
N LEU A 92 7.09 2.10 -11.63
CA LEU A 92 7.52 1.92 -13.02
C LEU A 92 8.85 1.19 -13.07
N PHE A 93 9.73 1.47 -12.11
CA PHE A 93 10.98 0.73 -12.04
C PHE A 93 10.72 -0.77 -11.95
N ASN A 94 9.68 -1.17 -11.20
CA ASN A 94 9.35 -2.59 -11.03
C ASN A 94 8.70 -3.19 -12.28
N PHE A 95 7.80 -2.45 -12.95
CA PHE A 95 7.33 -2.94 -14.23
C PHE A 95 8.49 -3.25 -15.16
N CYS A 96 9.52 -2.40 -15.14
CA CYS A 96 10.68 -2.53 -16.00
C CYS A 96 11.74 -3.42 -15.40
N SER A 97 11.36 -4.28 -14.46
CA SER A 97 12.24 -5.31 -13.93
C SER A 97 13.56 -4.73 -13.45
N ARG A 98 13.48 -3.59 -12.75
CA ARG A 98 14.64 -3.00 -12.07
C ARG A 98 15.74 -2.63 -13.07
N LYS A 99 15.32 -2.20 -14.25
CA LYS A 99 16.25 -1.73 -15.28
C LYS A 99 15.64 -0.56 -16.02
N PHE A 100 16.35 0.56 -16.03
CA PHE A 100 16.01 1.70 -16.86
C PHE A 100 17.11 1.87 -17.89
N SER A 101 16.71 2.20 -19.12
CA SER A 101 17.68 2.61 -20.12
C SER A 101 18.27 3.96 -19.75
N LEU A 102 19.50 4.20 -20.21
CA LEU A 102 20.17 5.48 -19.91
C LEU A 102 19.31 6.65 -20.37
N LYS A 103 18.64 6.49 -21.52
CA LYS A 103 17.78 7.55 -22.01
C LYS A 103 16.68 7.87 -21.01
N THR A 104 16.02 6.83 -20.46
CA THR A 104 14.93 7.01 -19.50
C THR A 104 15.43 7.74 -18.25
N VAL A 105 16.58 7.30 -17.72
CA VAL A 105 17.15 7.94 -16.55
C VAL A 105 17.40 9.41 -16.81
N LEU A 106 17.97 9.72 -17.97
CA LEU A 106 18.27 11.12 -18.28
C LEU A 106 16.98 11.88 -18.58
N LEU A 107 16.01 11.23 -19.23
CA LEU A 107 14.69 11.85 -19.37
C LEU A 107 14.12 12.21 -18.01
N LEU A 108 14.29 11.33 -17.01
CA LEU A 108 13.76 11.63 -15.70
C LEU A 108 14.59 12.71 -15.01
N ALA A 109 15.91 12.61 -15.11
CA ALA A 109 16.81 13.57 -14.46
C ALA A 109 16.40 14.99 -14.80
N ASP A 110 16.21 15.27 -16.09
CA ASP A 110 15.87 16.61 -16.52
C ASP A 110 14.62 17.12 -15.79
N GLN A 111 13.60 16.28 -15.69
CA GLN A 111 12.35 16.73 -15.09
C GLN A 111 12.46 16.79 -13.58
N MET A 112 13.14 15.83 -12.96
CA MET A 112 13.25 15.80 -11.51
C MET A 112 14.07 16.99 -11.01
N ILE A 113 15.10 17.38 -11.75
CA ILE A 113 15.84 18.59 -11.40
C ILE A 113 14.93 19.81 -11.48
N SER A 114 14.11 19.90 -12.54
CA SER A 114 13.20 21.04 -12.66
C SER A 114 12.13 21.06 -11.57
N ARG A 115 11.54 19.90 -11.23
CA ARG A 115 10.57 19.88 -10.14
C ARG A 115 11.20 20.44 -8.88
N ILE A 116 12.40 19.97 -8.54
CA ILE A 116 13.04 20.42 -7.32
C ILE A 116 13.34 21.91 -7.40
N GLU A 117 13.74 22.39 -8.58
CA GLU A 117 14.00 23.83 -8.74
C GLU A 117 12.75 24.64 -8.48
N TYR A 118 11.60 24.17 -8.96
CA TYR A 118 10.38 24.94 -8.74
C TYR A 118 10.03 25.02 -7.26
N ILE A 119 10.12 23.89 -6.54
CA ILE A 119 9.87 23.87 -5.09
C ILE A 119 10.77 24.88 -4.39
N HIS A 120 12.04 24.87 -4.76
CA HIS A 120 12.99 25.79 -4.16
C HIS A 120 12.61 27.22 -4.48
N SER A 121 12.12 27.49 -5.69
CA SER A 121 11.65 28.82 -6.04
C SER A 121 10.51 29.30 -5.14
N LYS A 122 9.66 28.40 -4.64
CA LYS A 122 8.60 28.78 -3.72
C LYS A 122 9.01 28.65 -2.28
N ASN A 123 10.32 28.60 -1.99
CA ASN A 123 10.94 28.75 -0.67
C ASN A 123 10.88 27.52 0.22
N PHE A 124 10.53 26.36 -0.32
CA PHE A 124 10.51 25.13 0.45
C PHE A 124 11.56 24.16 -0.06
N ILE A 125 12.07 23.33 0.85
CA ILE A 125 12.81 22.13 0.49
C ILE A 125 11.94 20.92 0.77
N HIS A 126 12.10 19.87 -0.02
CA HIS A 126 11.17 18.74 0.06
C HIS A 126 11.52 17.82 1.23
N ARG A 127 12.79 17.45 1.36
CA ARG A 127 13.40 16.65 2.43
C ARG A 127 13.14 15.14 2.35
N ASP A 128 12.41 14.64 1.35
CA ASP A 128 12.27 13.20 1.15
C ASP A 128 12.23 12.90 -0.35
N VAL A 129 13.27 13.32 -1.06
CA VAL A 129 13.36 13.02 -2.47
C VAL A 129 13.63 11.53 -2.62
N LYS A 130 12.73 10.81 -3.29
CA LYS A 130 12.85 9.36 -3.44
C LYS A 130 11.95 8.91 -4.57
N PRO A 131 12.17 7.71 -5.13
CA PRO A 131 11.37 7.28 -6.29
C PRO A 131 9.86 7.19 -6.01
N ASP A 132 9.43 6.84 -4.79
CA ASP A 132 8.00 6.80 -4.53
C ASP A 132 7.33 8.17 -4.59
N ASN A 133 8.09 9.27 -4.46
CA ASN A 133 7.48 10.60 -4.41
C ASN A 133 7.52 11.33 -5.75
N PHE A 134 7.76 10.62 -6.84
CA PHE A 134 7.58 11.14 -8.19
C PHE A 134 6.61 10.20 -8.89
N LEU A 135 5.51 10.75 -9.45
CA LEU A 135 4.55 9.95 -10.19
C LEU A 135 4.36 10.53 -11.58
N MET A 136 4.17 9.66 -12.56
CA MET A 136 3.80 10.15 -13.89
C MET A 136 2.35 10.61 -13.88
N GLY A 137 2.05 11.58 -14.75
CA GLY A 137 0.71 12.10 -14.88
C GLY A 137 -0.23 11.15 -15.64
N LEU A 138 -1.41 11.70 -15.96
CA LEU A 138 -2.45 10.97 -16.66
C LEU A 138 -2.69 11.56 -18.04
N GLY A 139 -3.06 10.70 -18.97
CA GLY A 139 -3.61 11.16 -20.23
C GLY A 139 -2.58 11.91 -21.04
N LYS A 140 -2.98 13.12 -21.44
CA LYS A 140 -2.13 14.04 -22.18
C LYS A 140 -0.96 14.52 -21.33
N LYS A 141 -1.01 14.30 -20.01
CA LYS A 141 0.07 14.59 -19.08
C LYS A 141 0.89 13.34 -18.73
N GLY A 142 0.75 12.24 -19.48
CA GLY A 142 1.47 11.03 -19.18
C GLY A 142 2.98 11.13 -19.33
N ASN A 143 3.46 12.13 -20.05
CA ASN A 143 4.88 12.40 -20.24
C ASN A 143 5.47 13.23 -19.10
N LEU A 144 4.66 13.67 -18.15
CA LEU A 144 5.04 14.67 -17.17
C LEU A 144 5.31 14.00 -15.83
N VAL A 145 6.47 14.26 -15.25
CA VAL A 145 6.81 13.80 -13.90
C VAL A 145 6.29 14.79 -12.87
N TYR A 146 5.47 14.31 -11.93
CA TYR A 146 4.94 15.07 -10.81
C TYR A 146 5.73 14.74 -9.54
N ILE A 147 5.77 15.69 -8.62
CA ILE A 147 6.37 15.47 -7.31
C ILE A 147 5.28 15.60 -6.27
N ILE A 148 5.32 14.75 -5.26
CA ILE A 148 4.22 14.64 -4.30
C ILE A 148 4.79 14.54 -2.89
N ASP A 149 3.88 14.60 -1.92
CA ASP A 149 4.16 14.41 -0.50
C ASP A 149 5.04 15.52 0.04
N PHE A 150 4.43 16.55 0.64
CA PHE A 150 5.15 17.65 1.26
C PHE A 150 5.06 17.60 2.79
N GLY A 151 4.87 16.41 3.35
CA GLY A 151 4.67 16.30 4.78
C GLY A 151 5.92 16.50 5.59
N LEU A 152 7.09 16.26 5.01
CA LEU A 152 8.32 16.59 5.68
C LEU A 152 8.98 17.83 5.10
N ALA A 153 8.30 18.54 4.22
CA ALA A 153 8.84 19.74 3.58
C ALA A 153 8.93 20.88 4.57
N LYS A 154 9.84 21.82 4.30
CA LYS A 154 10.13 22.86 5.29
C LYS A 154 10.57 24.14 4.59
N LYS A 155 10.10 25.27 5.09
CA LYS A 155 10.55 26.55 4.57
C LYS A 155 12.03 26.74 4.90
N TYR A 156 12.83 27.02 3.87
CA TYR A 156 14.27 27.19 4.05
C TYR A 156 14.71 28.64 3.98
N ARG A 157 13.87 29.53 3.47
CA ARG A 157 14.20 30.94 3.43
C ARG A 157 12.93 31.75 3.65
N ASP A 158 13.13 32.98 4.10
CA ASP A 158 12.01 33.88 4.37
C ASP A 158 11.38 34.33 3.05
N ALA A 159 10.05 34.33 3.02
CA ALA A 159 9.37 34.54 1.74
C ALA A 159 9.53 35.96 1.23
N ARG A 160 9.58 36.95 2.11
CA ARG A 160 9.70 38.31 1.56
C ARG A 160 11.14 38.82 1.52
N THR A 161 12.03 38.35 2.40
CA THR A 161 13.41 38.82 2.39
C THR A 161 14.44 37.80 1.94
N HIS A 162 14.02 36.56 1.64
CA HIS A 162 14.94 35.47 1.26
C HIS A 162 16.09 35.31 2.25
N GLN A 163 15.88 35.61 3.51
CA GLN A 163 16.84 35.25 4.54
C GLN A 163 16.82 33.74 4.75
N HIS A 164 17.94 33.08 4.46
CA HIS A 164 18.05 31.64 4.59
C HIS A 164 18.05 31.28 6.07
N ILE A 165 17.44 30.15 6.42
CA ILE A 165 17.38 29.70 7.81
C ILE A 165 18.80 29.44 8.28
N PRO A 166 19.12 29.57 9.58
CA PRO A 166 20.52 29.52 9.99
C PRO A 166 21.10 28.11 9.86
N TYR A 167 22.42 28.05 9.70
CA TYR A 167 23.12 26.77 9.76
C TYR A 167 23.10 26.27 11.20
N ARG A 168 22.64 25.03 11.40
CA ARG A 168 22.44 24.54 12.75
C ARG A 168 22.41 23.01 12.73
N GLU A 169 22.64 22.42 13.89
CA GLU A 169 22.50 20.98 14.02
C GLU A 169 21.03 20.60 14.17
N ASN A 170 20.52 19.81 13.24
CA ASN A 170 19.15 19.27 13.27
C ASN A 170 19.35 17.77 13.35
N GLU A 171 18.94 17.16 14.46
CA GLU A 171 19.43 15.82 14.72
C GLU A 171 18.36 14.74 14.57
N ASN A 172 17.23 15.07 13.95
CA ASN A 172 16.29 14.06 13.52
C ASN A 172 16.60 13.72 12.07
N LEU A 173 16.80 12.43 11.77
CA LEU A 173 16.83 12.02 10.37
C LEU A 173 15.42 12.09 9.83
N THR A 174 15.15 13.05 8.97
CA THR A 174 13.85 13.21 8.34
C THR A 174 13.99 12.82 6.88
N GLY A 175 13.19 11.83 6.46
CA GLY A 175 13.30 11.24 5.13
C GLY A 175 13.80 9.81 5.19
N THR A 176 13.92 9.21 4.01
CA THR A 176 14.42 7.85 3.91
C THR A 176 15.93 7.87 4.05
N ALA A 177 16.47 6.91 4.82
CA ALA A 177 17.91 6.85 5.02
C ALA A 177 18.62 6.44 3.73
N ARG A 178 17.97 5.65 2.88
CA ARG A 178 18.65 5.13 1.70
C ARG A 178 19.13 6.27 0.80
N TYR A 179 18.35 7.36 0.72
CA TYR A 179 18.66 8.48 -0.16
C TYR A 179 19.14 9.72 0.59
N ALA A 180 19.42 9.60 1.89
CA ALA A 180 19.74 10.79 2.67
C ALA A 180 21.10 11.34 2.29
N SER A 181 21.22 12.67 2.30
CA SER A 181 22.51 13.28 2.03
C SER A 181 23.48 13.01 3.17
N ILE A 182 24.77 13.11 2.85
CA ILE A 182 25.80 12.95 3.88
C ILE A 182 25.64 14.01 4.97
N ASN A 183 25.28 15.23 4.58
CA ASN A 183 25.06 16.26 5.60
C ASN A 183 23.99 15.85 6.58
N THR A 184 22.95 15.14 6.12
CA THR A 184 21.91 14.72 7.05
C THR A 184 22.45 13.63 7.98
N HIS A 185 23.19 12.67 7.44
CA HIS A 185 23.81 11.66 8.31
C HIS A 185 24.68 12.29 9.39
N LEU A 186 25.19 13.50 9.18
CA LEU A 186 26.01 14.15 10.19
C LEU A 186 25.21 15.11 11.05
N GLY A 187 23.88 15.10 10.96
CA GLY A 187 23.08 15.91 11.85
C GLY A 187 22.95 17.36 11.49
N ILE A 188 23.22 17.72 10.26
CA ILE A 188 23.13 19.12 9.84
C ILE A 188 21.76 19.40 9.25
N GLU A 189 21.22 20.56 9.57
CA GLU A 189 20.00 21.05 8.97
C GLU A 189 20.05 20.93 7.45
N GLN A 190 18.94 20.47 6.85
CA GLN A 190 18.91 20.28 5.40
C GLN A 190 18.65 21.60 4.66
N SER A 191 19.13 21.68 3.42
CA SER A 191 18.86 22.85 2.58
C SER A 191 18.74 22.36 1.15
N ARG A 192 18.73 23.31 0.20
CA ARG A 192 18.53 22.95 -1.19
C ARG A 192 19.56 21.95 -1.69
N ARG A 193 20.80 22.04 -1.20
CA ARG A 193 21.81 21.10 -1.66
C ARG A 193 21.43 19.66 -1.35
N ASP A 194 20.73 19.44 -0.25
CA ASP A 194 20.45 18.05 0.16
C ASP A 194 19.35 17.41 -0.69
N ASP A 195 18.32 18.16 -1.10
CA ASP A 195 17.35 17.62 -2.05
C ASP A 195 18.05 17.13 -3.31
N LEU A 196 19.03 17.89 -3.79
CA LEU A 196 19.66 17.51 -5.05
C LEU A 196 20.64 16.34 -4.89
N GLU A 197 21.34 16.26 -3.76
CA GLU A 197 22.18 15.10 -3.52
C GLU A 197 21.35 13.84 -3.44
N SER A 198 20.17 13.93 -2.79
CA SER A 198 19.29 12.77 -2.76
C SER A 198 18.82 12.38 -4.16
N LEU A 199 18.54 13.37 -5.01
CA LEU A 199 18.24 13.05 -6.41
C LEU A 199 19.42 12.36 -7.09
N GLY A 200 20.65 12.73 -6.72
CA GLY A 200 21.82 12.06 -7.27
C GLY A 200 21.84 10.58 -6.94
N TYR A 201 21.53 10.23 -5.68
CA TYR A 201 21.47 8.82 -5.31
C TYR A 201 20.31 8.11 -6.00
N VAL A 202 19.15 8.78 -6.11
CA VAL A 202 18.01 8.18 -6.80
C VAL A 202 18.40 7.81 -8.22
N LEU A 203 19.12 8.70 -8.89
CA LEU A 203 19.55 8.43 -10.26
C LEU A 203 20.45 7.20 -10.31
N MET A 204 21.42 7.11 -9.42
CA MET A 204 22.33 5.97 -9.47
C MET A 204 21.64 4.70 -9.06
N TYR A 205 20.69 4.80 -8.14
CA TYR A 205 19.82 3.67 -7.83
C TYR A 205 19.12 3.16 -9.08
N PHE A 206 18.60 4.07 -9.92
CA PHE A 206 18.01 3.63 -11.18
C PHE A 206 19.03 2.91 -12.04
N ASN A 207 20.26 3.43 -12.10
CA ASN A 207 21.30 2.86 -12.95
C ASN A 207 21.74 1.50 -12.44
N LEU A 208 21.93 1.36 -11.13
CA LEU A 208 22.43 0.11 -10.57
C LEU A 208 21.33 -0.89 -10.26
N GLY A 209 20.10 -0.44 -10.06
CA GLY A 209 19.05 -1.27 -9.52
C GLY A 209 19.08 -1.41 -8.03
N SER A 210 20.12 -0.92 -7.37
CA SER A 210 20.33 -1.12 -5.95
C SER A 210 21.50 -0.24 -5.53
N LEU A 211 21.59 0.03 -4.24
CA LEU A 211 22.68 0.85 -3.74
C LEU A 211 23.57 0.04 -2.80
N PRO A 212 24.86 0.40 -2.67
CA PRO A 212 25.75 -0.40 -1.82
C PRO A 212 25.38 -0.37 -0.34
N TRP A 213 24.60 0.62 0.09
CA TRP A 213 24.14 0.67 1.48
C TRP A 213 22.72 0.15 1.67
N GLN A 214 22.21 -0.64 0.72
CA GLN A 214 20.81 -1.07 0.79
C GLN A 214 20.55 -2.18 1.80
N GLY A 215 20.77 -3.44 1.40
CA GLY A 215 20.46 -4.59 2.24
C GLY A 215 21.48 -4.81 3.34
N LEU A 216 21.49 -3.97 4.36
CA LEU A 216 22.48 -4.00 5.43
C LEU A 216 21.86 -4.55 6.71
N LYS A 217 22.48 -5.61 7.24
CA LYS A 217 21.99 -6.26 8.46
C LYS A 217 22.60 -5.59 9.69
N ARG A 222 18.18 1.41 14.52
CA ARG A 222 19.11 2.57 14.49
C ARG A 222 20.52 2.05 14.21
N GLN A 223 20.72 0.76 14.47
CA GLN A 223 22.05 0.16 14.23
C GLN A 223 22.26 0.17 12.72
N LYS A 224 21.19 -0.18 11.99
CA LYS A 224 21.12 -0.17 10.52
C LYS A 224 21.28 1.27 10.01
N TYR A 225 20.73 2.26 10.72
CA TYR A 225 20.89 3.66 10.26
C TYR A 225 22.36 4.08 10.35
N GLU A 226 23.09 3.57 11.34
CA GLU A 226 24.52 3.94 11.37
C GLU A 226 25.22 3.08 10.32
N ARG A 227 24.82 1.83 10.16
CA ARG A 227 25.41 0.93 9.14
C ARG A 227 25.35 1.64 7.78
N ILE A 228 24.19 2.16 7.39
CA ILE A 228 24.04 2.90 6.13
C ILE A 228 24.99 4.09 6.09
N SER A 229 25.05 4.87 7.17
CA SER A 229 25.85 6.08 7.14
C SER A 229 27.34 5.73 7.06
N GLU A 230 27.77 4.70 7.80
CA GLU A 230 29.16 4.28 7.67
C GLU A 230 29.44 3.86 6.23
N LYS A 231 28.58 2.99 5.68
CA LYS A 231 28.81 2.51 4.32
C LYS A 231 28.72 3.65 3.32
N LYS A 232 27.73 4.53 3.47
CA LYS A 232 27.60 5.66 2.55
C LYS A 232 28.82 6.56 2.58
N MET A 233 29.39 6.80 3.77
CA MET A 233 30.58 7.64 3.81
C MET A 233 31.84 6.90 3.41
N SER A 234 31.94 5.59 3.69
CA SER A 234 33.06 4.78 3.25
C SER A 234 33.12 4.55 1.74
N THR A 235 32.06 4.86 1.00
CA THR A 235 31.98 4.53 -0.42
C THR A 235 32.20 5.81 -1.21
N PRO A 236 33.37 6.01 -1.82
CA PRO A 236 33.60 7.25 -2.56
C PRO A 236 32.72 7.33 -3.80
N ILE A 237 32.41 8.58 -4.19
CA ILE A 237 31.53 8.83 -5.32
C ILE A 237 32.03 8.11 -6.57
N GLU A 238 33.35 8.11 -6.78
CA GLU A 238 33.91 7.54 -8.00
C GLU A 238 33.71 6.03 -8.07
N VAL A 239 33.61 5.36 -6.93
CA VAL A 239 33.31 3.93 -6.94
C VAL A 239 31.83 3.68 -7.15
N LEU A 240 30.98 4.50 -6.51
CA LEU A 240 29.53 4.32 -6.62
C LEU A 240 29.07 4.43 -8.08
N CYS A 241 29.63 5.37 -8.83
CA CYS A 241 29.17 5.64 -10.19
C CYS A 241 30.10 5.09 -11.24
N LYS A 242 30.84 4.03 -10.92
CA LYS A 242 31.78 3.49 -11.88
C LYS A 242 31.06 2.58 -12.88
N GLY A 243 31.55 2.62 -14.12
CA GLY A 243 30.93 1.95 -15.25
C GLY A 243 29.72 2.66 -15.81
N TYR A 244 29.47 3.89 -15.40
CA TYR A 244 28.37 4.70 -15.88
C TYR A 244 28.93 6.02 -16.28
N PRO A 245 28.23 6.81 -17.11
CA PRO A 245 28.78 8.06 -17.60
C PRO A 245 29.24 8.94 -16.43
N SER A 246 30.41 9.56 -16.62
CA SER A 246 31.02 10.41 -15.61
C SER A 246 30.07 11.48 -15.07
N GLU A 247 29.07 11.88 -15.86
CA GLU A 247 28.13 12.93 -15.47
C GLU A 247 27.47 12.65 -14.12
N PHE A 248 27.23 11.38 -13.80
CA PHE A 248 26.60 11.09 -12.52
C PHE A 248 27.57 11.37 -11.38
N ALA A 249 28.84 11.00 -11.55
CA ALA A 249 29.87 11.37 -10.59
C ALA A 249 29.99 12.89 -10.48
N THR A 250 29.99 13.58 -11.62
CA THR A 250 30.08 15.03 -11.63
C THR A 250 28.89 15.66 -10.92
N TYR A 251 27.68 15.13 -11.16
CA TYR A 251 26.50 15.60 -10.45
C TYR A 251 26.68 15.48 -8.95
N LEU A 252 27.07 14.29 -8.48
CA LEU A 252 27.11 14.04 -7.04
C LEU A 252 28.18 14.88 -6.35
N ASN A 253 29.35 15.04 -6.98
CA ASN A 253 30.40 15.89 -6.41
C ASN A 253 29.96 17.35 -6.35
N PHE A 254 29.25 17.81 -7.37
CA PHE A 254 28.80 19.19 -7.35
C PHE A 254 27.78 19.42 -6.25
N CYS A 255 26.97 18.42 -5.91
CA CYS A 255 25.99 18.59 -4.85
C CYS A 255 26.63 18.59 -3.48
N ARG A 256 27.60 17.71 -3.26
CA ARG A 256 28.31 17.64 -1.99
C ARG A 256 29.18 18.87 -1.74
N SER A 257 29.55 19.60 -2.78
CA SER A 257 30.46 20.72 -2.63
C SER A 257 29.74 22.05 -2.53
N LEU A 258 28.41 22.04 -2.66
CA LEU A 258 27.60 23.23 -2.47
C LEU A 258 27.61 23.69 -1.01
N ARG A 259 27.58 25.01 -0.83
CA ARG A 259 27.52 25.54 0.52
C ARG A 259 26.07 25.56 1.01
N PHE A 260 25.92 25.53 2.34
CA PHE A 260 24.59 25.33 2.93
C PHE A 260 23.56 26.28 2.34
N ASP A 261 23.85 27.58 2.36
CA ASP A 261 22.93 28.60 1.86
C ASP A 261 23.01 28.81 0.35
N ASP A 262 23.95 28.16 -0.35
CA ASP A 262 24.18 28.38 -1.78
C ASP A 262 22.93 28.12 -2.61
N LYS A 263 22.66 29.01 -3.57
CA LYS A 263 21.66 28.73 -4.60
C LYS A 263 22.24 27.80 -5.66
N PRO A 264 21.74 26.57 -5.77
CA PRO A 264 22.34 25.62 -6.71
C PRO A 264 22.18 26.09 -8.15
N ASP A 265 23.11 25.67 -8.98
CA ASP A 265 23.10 26.04 -10.39
C ASP A 265 22.32 24.96 -11.12
N TYR A 266 20.99 25.14 -11.17
CA TYR A 266 20.10 24.11 -11.73
C TYR A 266 20.36 23.92 -13.22
N SER A 267 20.67 25.01 -13.92
CA SER A 267 20.96 24.91 -15.34
C SER A 267 22.22 24.12 -15.59
N TYR A 268 23.23 24.29 -14.74
CA TYR A 268 24.44 23.49 -14.87
C TYR A 268 24.14 22.00 -14.76
N LEU A 269 23.41 21.60 -13.72
CA LEU A 269 23.14 20.18 -13.54
C LEU A 269 22.33 19.63 -14.71
N ARG A 270 21.34 20.39 -15.17
CA ARG A 270 20.53 19.92 -16.31
C ARG A 270 21.37 19.82 -17.56
N GLN A 271 22.41 20.66 -17.68
CA GLN A 271 23.20 20.69 -18.91
C GLN A 271 24.22 19.57 -18.95
N LEU A 272 24.73 19.14 -17.79
CA LEU A 272 25.52 17.92 -17.75
C LEU A 272 24.79 16.79 -18.43
N PHE A 273 23.54 16.56 -18.02
CA PHE A 273 22.78 15.42 -18.49
C PHE A 273 22.26 15.65 -19.90
N ARG A 274 21.77 16.85 -20.19
CA ARG A 274 21.30 17.17 -21.53
C ARG A 274 22.41 17.00 -22.58
N ASN A 275 23.65 17.35 -22.23
CA ASN A 275 24.71 17.23 -23.24
C ASN A 275 25.12 15.80 -23.44
N LEU A 276 25.25 15.04 -22.35
CA LEU A 276 25.41 13.59 -22.46
C LEU A 276 24.25 12.96 -23.23
N PHE A 277 23.03 13.41 -22.96
CA PHE A 277 21.84 12.90 -23.64
C PHE A 277 21.97 13.05 -25.14
N HIS A 278 22.32 14.25 -25.58
CA HIS A 278 22.44 14.54 -27.00
C HIS A 278 23.61 13.81 -27.62
N ARG A 279 24.72 13.68 -26.87
CA ARG A 279 25.88 12.98 -27.42
C ARG A 279 25.57 11.51 -27.65
N GLN A 280 24.64 10.92 -26.90
CA GLN A 280 24.20 9.58 -27.22
C GLN A 280 23.23 9.54 -28.39
N GLY A 281 22.76 10.71 -28.85
CA GLY A 281 21.82 10.77 -29.95
C GLY A 281 20.36 10.66 -29.57
N PHE A 282 20.06 10.82 -28.31
CA PHE A 282 18.64 10.71 -27.91
C PHE A 282 17.93 12.03 -28.23
N SER A 283 16.63 11.96 -28.26
CA SER A 283 15.83 13.17 -28.49
C SER A 283 14.80 13.29 -27.38
N TYR A 284 14.60 14.47 -26.80
CA TYR A 284 13.61 14.65 -25.71
C TYR A 284 12.18 14.47 -26.25
N ASP A 285 11.83 13.25 -26.66
CA ASP A 285 10.54 12.84 -27.21
C ASP A 285 9.63 12.22 -26.16
N TYR A 286 10.06 12.15 -24.90
CA TYR A 286 9.24 11.63 -23.81
C TYR A 286 8.80 10.19 -24.05
N VAL A 287 9.63 9.40 -24.73
CA VAL A 287 9.41 7.97 -24.88
C VAL A 287 10.25 7.25 -23.83
N PHE A 288 9.63 6.95 -22.69
CA PHE A 288 10.28 6.20 -21.62
C PHE A 288 10.26 4.69 -21.91
N ASP A 289 10.98 3.93 -21.07
CA ASP A 289 11.09 2.48 -21.27
C ASP A 289 9.72 1.80 -21.19
N TRP A 290 8.83 2.31 -20.35
CA TRP A 290 7.50 1.72 -20.24
C TRP A 290 6.60 2.10 -21.41
N ASN A 291 7.04 2.98 -22.31
CA ASN A 291 6.24 3.27 -23.50
C ASN A 291 6.42 2.24 -24.61
N MET A 292 7.37 1.31 -24.50
CA MET A 292 7.48 0.17 -25.41
C MET A 292 7.09 -1.14 -24.73
N LEU A 293 6.19 -1.07 -23.76
CA LEU A 293 5.71 -2.21 -22.97
C LEU A 293 6.84 -2.81 -22.14
N GLU B 2 1.66 5.13 -23.70
CA GLU B 2 0.55 4.73 -22.83
C GLU B 2 0.71 3.30 -22.34
N LEU B 3 1.14 3.13 -21.09
CA LEU B 3 1.43 1.80 -20.58
C LEU B 3 0.14 1.10 -20.21
N ARG B 4 -0.19 0.01 -20.92
CA ARG B 4 -1.42 -0.75 -20.68
C ARG B 4 -1.14 -2.24 -20.60
N VAL B 5 -2.00 -2.93 -19.86
CA VAL B 5 -2.09 -4.38 -19.88
C VAL B 5 -3.20 -4.76 -20.86
N GLY B 6 -2.81 -5.39 -21.96
CA GLY B 6 -3.73 -5.97 -22.93
C GLY B 6 -4.64 -5.04 -23.69
N ASN B 7 -4.06 -3.98 -24.27
CA ASN B 7 -4.70 -3.08 -25.22
C ASN B 7 -5.89 -2.30 -24.64
N ARG B 8 -6.34 -2.64 -23.44
CA ARG B 8 -7.57 -2.03 -22.93
C ARG B 8 -7.50 -1.51 -21.50
N TYR B 9 -6.54 -1.94 -20.68
CA TYR B 9 -6.48 -1.50 -19.28
C TYR B 9 -5.21 -0.67 -19.06
N ARG B 10 -5.39 0.60 -18.71
CA ARG B 10 -4.24 1.45 -18.42
C ARG B 10 -3.74 1.17 -17.02
N LEU B 11 -2.45 0.93 -16.88
CA LEU B 11 -1.88 0.58 -15.59
C LEU B 11 -1.61 1.83 -14.74
N GLY B 12 -1.98 1.75 -13.46
CA GLY B 12 -1.82 2.85 -12.54
C GLY B 12 -0.91 2.48 -11.40
N ARG B 13 -1.02 3.20 -10.29
CA ARG B 13 -0.11 3.03 -9.17
C ARG B 13 -0.35 1.73 -8.42
N LYS B 14 0.70 1.27 -7.72
CA LYS B 14 0.56 0.15 -6.80
C LYS B 14 -0.37 0.54 -5.66
N ILE B 15 -1.33 -0.32 -5.35
CA ILE B 15 -2.30 -0.05 -4.27
C ILE B 15 -2.23 -1.09 -3.17
N GLY B 16 -1.42 -2.13 -3.32
CA GLY B 16 -1.27 -3.11 -2.27
C GLY B 16 -0.39 -4.24 -2.75
N SER B 17 0.00 -5.08 -1.79
CA SER B 17 0.60 -6.37 -2.08
C SER B 17 -0.38 -7.45 -1.66
N GLY B 18 -0.31 -8.59 -2.33
CA GLY B 18 -1.14 -9.74 -1.99
C GLY B 18 -0.31 -11.01 -1.88
N SER B 19 -1.00 -12.14 -1.92
CA SER B 19 -0.33 -13.40 -2.25
C SER B 19 0.39 -13.28 -3.59
N PHE B 20 1.72 -13.52 -3.57
CA PHE B 20 2.46 -13.90 -4.77
C PHE B 20 2.38 -12.83 -5.88
N GLY B 21 2.28 -11.57 -5.52
CA GLY B 21 2.26 -10.51 -6.51
C GLY B 21 1.69 -9.24 -5.92
N ASP B 22 1.70 -8.19 -6.74
CA ASP B 22 1.26 -6.87 -6.36
C ASP B 22 -0.05 -6.49 -7.04
N ILE B 23 -0.77 -5.55 -6.42
CA ILE B 23 -2.06 -5.08 -6.91
C ILE B 23 -1.88 -3.66 -7.41
N TYR B 24 -2.49 -3.37 -8.55
CA TYR B 24 -2.39 -2.04 -9.14
C TYR B 24 -3.76 -1.55 -9.52
N LEU B 25 -3.88 -0.23 -9.56
CA LEU B 25 -5.10 0.36 -10.04
C LEU B 25 -5.05 0.35 -11.56
N GLY B 26 -6.22 0.24 -12.16
CA GLY B 26 -6.33 0.12 -13.60
C GLY B 26 -7.57 0.86 -14.08
N THR B 27 -7.54 1.19 -15.37
CA THR B 27 -8.71 1.81 -15.99
C THR B 27 -9.02 1.09 -17.27
N ASP B 28 -10.23 0.57 -17.36
CA ASP B 28 -10.78 0.02 -18.59
C ASP B 28 -11.09 1.19 -19.51
N ILE B 29 -10.27 1.38 -20.54
CA ILE B 29 -10.55 2.44 -21.49
C ILE B 29 -11.85 2.16 -22.23
N ALA B 30 -12.21 0.89 -22.39
CA ALA B 30 -13.42 0.57 -23.15
C ALA B 30 -14.67 0.87 -22.34
N ALA B 31 -14.76 0.33 -21.13
CA ALA B 31 -15.92 0.55 -20.27
C ALA B 31 -15.81 1.75 -19.36
N GLY B 32 -14.74 2.54 -19.45
CA GLY B 32 -14.65 3.68 -18.56
C GLY B 32 -14.55 3.33 -17.10
N GLU B 33 -14.38 2.06 -16.76
CA GLU B 33 -14.39 1.58 -15.38
C GLU B 33 -12.99 1.56 -14.79
N GLU B 34 -12.93 1.80 -13.48
CA GLU B 34 -11.74 1.49 -12.70
C GLU B 34 -11.73 -0.01 -12.36
N VAL B 35 -10.52 -0.58 -12.27
CA VAL B 35 -10.34 -2.00 -11.97
C VAL B 35 -9.15 -2.18 -11.05
N ALA B 36 -9.04 -3.37 -10.47
CA ALA B 36 -7.84 -3.80 -9.77
C ALA B 36 -7.05 -4.75 -10.67
N ILE B 37 -5.73 -4.60 -10.67
CA ILE B 37 -4.86 -5.36 -11.57
C ILE B 37 -3.80 -6.07 -10.75
N LYS B 38 -3.82 -7.40 -10.80
CA LYS B 38 -2.84 -8.21 -10.10
C LYS B 38 -1.74 -8.63 -11.08
N LEU B 39 -0.48 -8.50 -10.67
CA LEU B 39 0.67 -8.80 -11.50
C LEU B 39 1.62 -9.74 -10.77
N GLU B 40 2.10 -10.77 -11.46
CA GLU B 40 3.08 -11.67 -10.88
C GLU B 40 4.25 -11.84 -11.84
N CYS B 41 5.47 -11.68 -11.33
CA CYS B 41 6.63 -11.81 -12.19
C CYS B 41 6.75 -13.25 -12.68
N VAL B 42 6.86 -13.40 -14.00
CA VAL B 42 6.90 -14.74 -14.60
C VAL B 42 8.19 -15.48 -14.34
N LYS B 43 9.16 -14.83 -13.71
CA LYS B 43 10.46 -15.50 -13.48
C LYS B 43 10.41 -16.25 -12.16
N THR B 44 9.73 -17.39 -12.17
CA THR B 44 9.57 -18.25 -10.99
C THR B 44 9.42 -19.69 -11.46
N LYS B 45 10.11 -20.61 -10.79
CA LYS B 45 10.07 -22.05 -11.15
C LYS B 45 8.62 -22.53 -11.00
N HIS B 46 7.93 -22.02 -9.98
CA HIS B 46 6.52 -22.36 -9.73
C HIS B 46 5.67 -21.08 -9.69
N PRO B 47 4.88 -20.75 -10.74
CA PRO B 47 4.04 -19.55 -10.76
C PRO B 47 2.73 -19.80 -9.98
N GLN B 48 1.96 -18.75 -9.69
CA GLN B 48 0.75 -18.99 -8.92
C GLN B 48 -0.49 -18.28 -9.45
N LEU B 49 -0.36 -17.27 -10.30
CA LEU B 49 -1.49 -16.41 -10.63
C LEU B 49 -2.55 -17.15 -11.43
N HIS B 50 -2.13 -17.98 -12.39
CA HIS B 50 -3.07 -18.77 -13.17
C HIS B 50 -3.90 -19.69 -12.28
N ILE B 51 -3.24 -20.37 -11.34
CA ILE B 51 -3.93 -21.24 -10.41
C ILE B 51 -4.99 -20.46 -9.65
N GLU B 52 -4.60 -19.33 -9.05
CA GLU B 52 -5.53 -18.55 -8.25
C GLU B 52 -6.71 -18.08 -9.08
N SER B 53 -6.46 -17.75 -10.36
CA SER B 53 -7.56 -17.26 -11.18
C SER B 53 -8.51 -18.39 -11.57
N LYS B 54 -8.00 -19.64 -11.63
CA LYS B 54 -8.90 -20.77 -11.81
C LYS B 54 -9.76 -20.95 -10.57
N ILE B 55 -9.14 -20.85 -9.39
CA ILE B 55 -9.90 -20.94 -8.14
C ILE B 55 -10.98 -19.88 -8.10
N TYR B 56 -10.62 -18.63 -8.43
CA TYR B 56 -11.63 -17.59 -8.58
C TYR B 56 -12.77 -18.05 -9.49
N LYS B 57 -12.46 -18.68 -10.62
CA LYS B 57 -13.52 -18.99 -11.58
C LYS B 57 -14.39 -20.16 -11.16
N MET B 58 -13.85 -21.18 -10.50
CA MET B 58 -14.75 -22.23 -10.02
C MET B 58 -15.64 -21.74 -8.91
N MET B 59 -15.24 -20.69 -8.18
CA MET B 59 -16.06 -20.15 -7.11
C MET B 59 -16.96 -19.05 -7.61
N GLN B 60 -17.09 -18.90 -8.92
CA GLN B 60 -17.87 -17.79 -9.40
C GLN B 60 -19.27 -18.36 -9.50
N GLY B 61 -20.26 -17.55 -9.21
CA GLY B 61 -21.57 -18.04 -8.89
C GLY B 61 -21.89 -18.08 -7.41
N GLY B 62 -20.88 -18.01 -6.55
CA GLY B 62 -21.14 -17.63 -5.17
C GLY B 62 -21.36 -16.13 -5.08
N VAL B 63 -22.35 -15.76 -4.27
CA VAL B 63 -22.50 -14.38 -3.86
C VAL B 63 -21.19 -13.91 -3.26
N GLY B 64 -20.78 -12.68 -3.58
CA GLY B 64 -19.66 -12.11 -2.87
C GLY B 64 -18.27 -12.63 -3.21
N ILE B 65 -18.08 -13.17 -4.40
CA ILE B 65 -16.77 -13.45 -4.96
C ILE B 65 -16.63 -12.56 -6.20
N PRO B 66 -15.62 -11.70 -6.29
CA PRO B 66 -15.55 -10.78 -7.43
C PRO B 66 -15.29 -11.50 -8.74
N THR B 67 -15.84 -10.94 -9.82
CA THR B 67 -15.53 -11.45 -11.15
C THR B 67 -14.18 -10.94 -11.65
N ILE B 68 -13.45 -11.83 -12.31
CA ILE B 68 -12.07 -11.61 -12.77
C ILE B 68 -11.93 -11.81 -14.28
N ARG B 69 -10.70 -11.59 -14.81
CA ARG B 69 -10.34 -11.76 -16.23
C ARG B 69 -8.85 -12.09 -16.30
N TRP B 70 -8.53 -13.39 -16.32
CA TRP B 70 -7.12 -13.76 -16.42
C TRP B 70 -6.70 -13.53 -17.86
N CYS B 71 -5.99 -12.43 -18.07
CA CYS B 71 -5.58 -12.07 -19.41
C CYS B 71 -4.14 -12.48 -19.66
N GLY B 72 -3.67 -13.48 -18.93
CA GLY B 72 -2.49 -14.18 -19.33
C GLY B 72 -1.24 -13.37 -19.08
N ALA B 73 -0.20 -13.76 -19.81
CA ALA B 73 1.11 -13.17 -19.62
C ALA B 73 1.28 -12.00 -20.57
N GLU B 74 1.72 -10.88 -20.02
CA GLU B 74 2.16 -9.73 -20.78
C GLU B 74 3.63 -9.53 -20.43
N GLY B 75 4.52 -9.91 -21.35
CA GLY B 75 5.94 -9.75 -21.16
C GLY B 75 6.46 -10.50 -19.96
N ASP B 76 6.90 -9.76 -18.94
CA ASP B 76 7.49 -10.34 -17.74
C ASP B 76 6.46 -10.61 -16.64
N TYR B 77 5.18 -10.37 -16.90
CA TYR B 77 4.17 -10.46 -15.86
C TYR B 77 3.01 -11.31 -16.30
N ASN B 78 2.56 -12.17 -15.39
CA ASN B 78 1.20 -12.68 -15.46
C ASN B 78 0.24 -11.61 -14.95
N VAL B 79 -0.86 -11.43 -15.67
CA VAL B 79 -1.81 -10.35 -15.40
C VAL B 79 -3.17 -10.96 -15.09
N MET B 80 -3.80 -10.47 -14.02
CA MET B 80 -5.20 -10.79 -13.73
C MET B 80 -5.94 -9.51 -13.38
N VAL B 81 -6.97 -9.20 -14.16
CA VAL B 81 -7.83 -8.05 -13.91
C VAL B 81 -9.07 -8.50 -13.16
N MET B 82 -9.41 -7.78 -12.08
CA MET B 82 -10.51 -8.13 -11.21
C MET B 82 -11.38 -6.90 -11.01
N GLU B 83 -12.64 -7.17 -10.70
CA GLU B 83 -13.60 -6.17 -10.23
C GLU B 83 -13.01 -5.34 -9.09
N LEU B 84 -13.00 -4.02 -9.27
CA LEU B 84 -12.74 -3.13 -8.15
C LEU B 84 -14.04 -2.95 -7.39
N LEU B 85 -14.01 -3.23 -6.10
CA LEU B 85 -15.16 -3.11 -5.23
C LEU B 85 -14.92 -1.93 -4.30
N GLY B 86 -15.69 -1.86 -3.22
CA GLY B 86 -15.52 -0.79 -2.26
C GLY B 86 -14.40 -1.06 -1.27
N PRO B 87 -14.37 -0.30 -0.19
CA PRO B 87 -13.25 -0.43 0.76
C PRO B 87 -13.26 -1.77 1.46
N SER B 88 -12.08 -2.19 1.90
CA SER B 88 -11.98 -3.39 2.71
C SER B 88 -12.55 -3.13 4.10
N LEU B 89 -12.77 -4.21 4.85
CA LEU B 89 -13.25 -4.07 6.23
C LEU B 89 -12.20 -3.45 7.14
N GLU B 90 -10.90 -3.68 6.87
CA GLU B 90 -9.87 -2.96 7.60
C GLU B 90 -9.94 -1.47 7.30
N ASP B 91 -10.20 -1.11 6.04
CA ASP B 91 -10.40 0.30 5.71
C ASP B 91 -11.63 0.86 6.43
N LEU B 92 -12.74 0.12 6.43
CA LEU B 92 -13.94 0.64 7.06
C LEU B 92 -13.75 0.75 8.57
N PHE B 93 -13.03 -0.19 9.17
CA PHE B 93 -12.69 -0.12 10.59
C PHE B 93 -11.91 1.15 10.91
N ASN B 94 -10.99 1.55 10.01
CA ASN B 94 -10.22 2.75 10.27
C ASN B 94 -11.11 3.97 10.12
N PHE B 95 -11.97 3.96 9.10
CA PHE B 95 -12.94 5.04 8.93
C PHE B 95 -13.77 5.24 10.21
N CYS B 96 -14.14 4.14 10.87
CA CYS B 96 -14.93 4.23 12.09
C CYS B 96 -14.07 4.34 13.34
N SER B 97 -12.81 4.76 13.20
CA SER B 97 -11.87 4.94 14.31
C SER B 97 -11.74 3.67 15.15
N ARG B 98 -11.74 2.54 14.44
CA ARG B 98 -11.41 1.24 15.02
C ARG B 98 -12.38 0.86 16.15
N LYS B 99 -13.66 1.15 15.93
CA LYS B 99 -14.76 0.70 16.78
C LYS B 99 -15.92 0.35 15.87
N PHE B 100 -16.39 -0.88 15.96
CA PHE B 100 -17.62 -1.31 15.31
C PHE B 100 -18.61 -1.62 16.41
N SER B 101 -19.86 -1.18 16.24
CA SER B 101 -20.92 -1.59 17.17
C SER B 101 -21.23 -3.08 17.03
N LEU B 102 -21.90 -3.61 18.05
CA LEU B 102 -22.30 -5.02 18.03
C LEU B 102 -23.17 -5.33 16.82
N LYS B 103 -24.09 -4.43 16.48
CA LYS B 103 -24.96 -4.70 15.33
C LYS B 103 -24.16 -4.88 14.04
N THR B 104 -23.20 -3.98 13.81
CA THR B 104 -22.36 -4.09 12.62
C THR B 104 -21.51 -5.36 12.65
N VAL B 105 -20.92 -5.69 13.79
CA VAL B 105 -20.11 -6.91 13.88
C VAL B 105 -20.95 -8.14 13.60
N LEU B 106 -22.17 -8.19 14.14
CA LEU B 106 -23.02 -9.36 13.92
C LEU B 106 -23.49 -9.44 12.48
N LEU B 107 -23.80 -8.30 11.86
CA LEU B 107 -24.15 -8.32 10.45
C LEU B 107 -23.00 -8.86 9.61
N LEU B 108 -21.76 -8.40 9.89
CA LEU B 108 -20.63 -8.88 9.11
C LEU B 108 -20.36 -10.34 9.38
N ALA B 109 -20.51 -10.78 10.65
CA ALA B 109 -20.25 -12.18 11.01
C ALA B 109 -21.07 -13.14 10.16
N ASP B 110 -22.38 -12.91 10.06
CA ASP B 110 -23.24 -13.81 9.30
C ASP B 110 -22.72 -14.01 7.89
N GLN B 111 -22.33 -12.93 7.23
CA GLN B 111 -21.90 -13.01 5.84
C GLN B 111 -20.50 -13.61 5.71
N MET B 112 -19.60 -13.27 6.63
CA MET B 112 -18.25 -13.82 6.56
C MET B 112 -18.25 -15.33 6.77
N ILE B 113 -19.10 -15.84 7.66
CA ILE B 113 -19.21 -17.31 7.79
C ILE B 113 -19.73 -17.91 6.49
N SER B 114 -20.76 -17.30 5.90
CA SER B 114 -21.31 -17.80 4.64
C SER B 114 -20.27 -17.79 3.52
N ARG B 115 -19.45 -16.74 3.43
CA ARG B 115 -18.37 -16.72 2.43
C ARG B 115 -17.43 -17.91 2.60
N ILE B 116 -16.96 -18.16 3.83
CA ILE B 116 -16.07 -19.29 4.06
C ILE B 116 -16.81 -20.60 3.81
N GLU B 117 -18.08 -20.69 4.21
CA GLU B 117 -18.82 -21.92 3.96
C GLU B 117 -18.85 -22.23 2.47
N TYR B 118 -19.10 -21.22 1.64
CA TYR B 118 -19.16 -21.45 0.20
C TYR B 118 -17.84 -21.92 -0.36
N ILE B 119 -16.74 -21.27 0.05
CA ILE B 119 -15.41 -21.71 -0.36
C ILE B 119 -15.20 -23.17 0.01
N HIS B 120 -15.59 -23.56 1.22
CA HIS B 120 -15.41 -24.94 1.67
C HIS B 120 -16.27 -25.92 0.89
N SER B 121 -17.49 -25.51 0.53
CA SER B 121 -18.34 -26.38 -0.29
C SER B 121 -17.67 -26.73 -1.62
N LYS B 122 -16.85 -25.83 -2.16
CA LYS B 122 -16.12 -26.05 -3.41
C LYS B 122 -14.72 -26.61 -3.20
N ASN B 123 -14.46 -27.20 -2.03
CA ASN B 123 -13.30 -28.05 -1.74
C ASN B 123 -12.00 -27.31 -1.48
N PHE B 124 -12.03 -25.99 -1.31
CA PHE B 124 -10.86 -25.22 -0.96
C PHE B 124 -11.00 -24.65 0.44
N ILE B 125 -9.87 -24.47 1.10
CA ILE B 125 -9.78 -23.62 2.27
C ILE B 125 -8.99 -22.38 1.86
N HIS B 126 -9.32 -21.26 2.50
CA HIS B 126 -8.84 -19.95 2.08
C HIS B 126 -7.43 -19.66 2.60
N ARG B 127 -7.23 -19.87 3.89
CA ARG B 127 -5.94 -19.83 4.60
C ARG B 127 -5.42 -18.42 4.89
N ASP B 128 -6.14 -17.36 4.53
CA ASP B 128 -5.74 -16.00 4.91
C ASP B 128 -6.97 -15.14 5.22
N VAL B 129 -7.81 -15.61 6.13
CA VAL B 129 -8.95 -14.83 6.58
C VAL B 129 -8.44 -13.68 7.43
N LYS B 130 -8.67 -12.46 6.97
CA LYS B 130 -8.24 -11.24 7.66
C LYS B 130 -9.09 -10.08 7.16
N PRO B 131 -9.20 -8.99 7.91
CA PRO B 131 -10.14 -7.93 7.52
C PRO B 131 -9.86 -7.35 6.16
N ASP B 132 -8.59 -7.31 5.76
CA ASP B 132 -8.23 -6.78 4.45
C ASP B 132 -8.71 -7.64 3.30
N ASN B 133 -9.07 -8.91 3.53
CA ASN B 133 -9.52 -9.76 2.45
C ASN B 133 -11.03 -9.85 2.36
N PHE B 134 -11.73 -8.92 3.01
CA PHE B 134 -13.17 -8.75 2.83
C PHE B 134 -13.42 -7.32 2.35
N LEU B 135 -14.17 -7.18 1.27
CA LEU B 135 -14.50 -5.89 0.68
C LEU B 135 -16.02 -5.73 0.57
N MET B 136 -16.51 -4.52 0.78
CA MET B 136 -17.91 -4.19 0.50
C MET B 136 -18.15 -3.96 -0.99
N GLY B 137 -19.36 -4.30 -1.43
CA GLY B 137 -19.76 -4.06 -2.80
C GLY B 137 -20.15 -2.62 -3.05
N LEU B 138 -20.57 -2.36 -4.30
CA LEU B 138 -20.97 -1.02 -4.70
C LEU B 138 -22.41 -1.01 -5.18
N GLY B 139 -23.03 0.16 -5.09
CA GLY B 139 -24.34 0.35 -5.68
C GLY B 139 -25.38 -0.44 -4.91
N LYS B 140 -26.16 -1.27 -5.61
CA LYS B 140 -27.12 -2.14 -4.96
C LYS B 140 -26.44 -3.22 -4.13
N LYS B 141 -25.13 -3.39 -4.29
CA LYS B 141 -24.36 -4.39 -3.57
C LYS B 141 -23.66 -3.84 -2.32
N GLY B 142 -24.00 -2.64 -1.89
CA GLY B 142 -23.32 -2.07 -0.74
C GLY B 142 -23.47 -2.87 0.53
N ASN B 143 -24.52 -3.71 0.64
CA ASN B 143 -24.74 -4.55 1.81
C ASN B 143 -23.89 -5.79 1.79
N LEU B 144 -23.21 -6.04 0.69
CA LEU B 144 -22.69 -7.35 0.39
C LEU B 144 -21.19 -7.40 0.71
N VAL B 145 -20.82 -8.39 1.52
CA VAL B 145 -19.44 -8.64 1.90
C VAL B 145 -18.81 -9.56 0.86
N TYR B 146 -17.74 -9.12 0.24
CA TYR B 146 -17.02 -9.99 -0.67
C TYR B 146 -15.79 -10.53 0.02
N ILE B 147 -15.33 -11.68 -0.43
CA ILE B 147 -14.07 -12.25 0.00
C ILE B 147 -13.17 -12.29 -1.23
N ILE B 148 -11.87 -12.02 -1.03
CA ILE B 148 -10.91 -11.86 -2.12
C ILE B 148 -9.63 -12.61 -1.78
N ASP B 149 -8.74 -12.68 -2.76
CA ASP B 149 -7.37 -13.21 -2.69
C ASP B 149 -7.31 -14.71 -2.41
N PHE B 150 -7.19 -15.53 -3.45
CA PHE B 150 -7.10 -16.97 -3.28
C PHE B 150 -5.68 -17.49 -3.48
N GLY B 151 -4.68 -16.65 -3.30
CA GLY B 151 -3.33 -17.05 -3.61
C GLY B 151 -2.73 -18.02 -2.64
N LEU B 152 -3.24 -18.08 -1.40
CA LEU B 152 -2.86 -19.12 -0.46
C LEU B 152 -3.91 -20.21 -0.36
N ALA B 153 -4.93 -20.18 -1.21
CA ALA B 153 -5.99 -21.16 -1.11
C ALA B 153 -5.48 -22.53 -1.54
N LYS B 154 -6.12 -23.57 -1.01
CA LYS B 154 -5.59 -24.91 -1.14
C LYS B 154 -6.76 -25.89 -1.13
N LYS B 155 -6.70 -26.89 -2.01
CA LYS B 155 -7.71 -27.93 -2.02
C LYS B 155 -7.60 -28.76 -0.76
N TYR B 156 -8.71 -28.93 -0.03
CA TYR B 156 -8.68 -29.71 1.20
C TYR B 156 -9.33 -31.07 1.04
N ARG B 157 -10.07 -31.31 -0.05
CA ARG B 157 -10.68 -32.61 -0.31
C ARG B 157 -10.76 -32.83 -1.82
N ASP B 158 -10.90 -34.10 -2.20
CA ASP B 158 -10.98 -34.45 -3.63
C ASP B 158 -12.32 -34.01 -4.22
N ALA B 159 -12.27 -33.47 -5.44
CA ALA B 159 -13.44 -32.85 -6.04
C ALA B 159 -14.54 -33.86 -6.39
N ARG B 160 -14.16 -35.11 -6.74
CA ARG B 160 -15.15 -36.11 -7.14
C ARG B 160 -15.68 -36.90 -5.95
N THR B 161 -14.81 -37.22 -4.99
CA THR B 161 -15.19 -37.78 -3.70
C THR B 161 -14.66 -36.84 -2.62
N HIS B 162 -15.47 -36.49 -1.65
CA HIS B 162 -15.02 -35.56 -0.61
C HIS B 162 -14.02 -36.20 0.36
N GLN B 163 -13.11 -37.01 -0.20
CA GLN B 163 -11.97 -37.61 0.46
C GLN B 163 -10.96 -36.54 0.87
N HIS B 164 -10.80 -36.39 2.19
CA HIS B 164 -9.99 -35.33 2.78
C HIS B 164 -8.51 -35.57 2.56
N ILE B 165 -7.75 -34.48 2.39
CA ILE B 165 -6.30 -34.51 2.24
C ILE B 165 -5.68 -35.02 3.53
N PRO B 166 -4.45 -35.57 3.49
CA PRO B 166 -3.89 -36.19 4.70
C PRO B 166 -3.57 -35.19 5.80
N TYR B 167 -3.56 -35.70 7.03
CA TYR B 167 -3.04 -34.95 8.17
C TYR B 167 -1.52 -34.88 8.09
N ARG B 168 -0.99 -33.73 8.49
CA ARG B 168 0.44 -33.46 8.40
C ARG B 168 0.80 -32.45 9.48
N GLU B 169 2.08 -32.39 9.81
CA GLU B 169 2.59 -31.26 10.58
C GLU B 169 3.89 -30.82 9.91
N ASN B 170 4.70 -30.05 10.63
CA ASN B 170 5.94 -29.49 10.10
C ASN B 170 5.65 -28.64 8.86
N GLU B 171 4.85 -27.60 9.08
CA GLU B 171 4.35 -26.73 8.03
C GLU B 171 4.85 -25.31 8.28
N ASN B 172 4.82 -24.51 7.21
CA ASN B 172 5.12 -23.08 7.29
C ASN B 172 3.87 -22.28 7.58
N LEU B 173 4.02 -21.27 8.43
CA LEU B 173 2.91 -20.35 8.71
C LEU B 173 2.47 -19.67 7.42
N THR B 174 1.26 -20.03 6.96
CA THR B 174 0.64 -19.47 5.77
C THR B 174 -0.51 -18.58 6.21
N GLY B 175 -0.47 -17.32 5.78
CA GLY B 175 -1.38 -16.29 6.24
C GLY B 175 -0.67 -15.27 7.10
N THR B 176 -1.42 -14.28 7.57
CA THR B 176 -0.87 -13.30 8.48
C THR B 176 -0.91 -13.86 9.90
N ALA B 177 0.16 -13.59 10.66
CA ALA B 177 0.28 -14.19 11.98
C ALA B 177 -0.77 -13.68 12.95
N ARG B 178 -1.25 -12.44 12.78
CA ARG B 178 -2.14 -11.86 13.77
C ARG B 178 -3.44 -12.65 13.91
N TYR B 179 -3.95 -13.18 12.80
CA TYR B 179 -5.23 -13.89 12.80
C TYR B 179 -5.07 -15.39 12.62
N ALA B 180 -3.85 -15.92 12.66
CA ALA B 180 -3.64 -17.33 12.39
C ALA B 180 -4.18 -18.20 13.52
N SER B 181 -4.69 -19.37 13.16
CA SER B 181 -5.15 -20.29 14.17
C SER B 181 -3.96 -20.76 14.99
N ILE B 182 -4.25 -21.19 16.22
CA ILE B 182 -3.19 -21.68 17.10
C ILE B 182 -2.52 -22.91 16.52
N ASN B 183 -3.30 -23.80 15.88
CA ASN B 183 -2.73 -24.97 15.23
C ASN B 183 -1.71 -24.58 14.17
N THR B 184 -1.99 -23.49 13.43
CA THR B 184 -1.08 -23.04 12.40
C THR B 184 0.23 -22.56 13.00
N HIS B 185 0.16 -21.88 14.14
CA HIS B 185 1.38 -21.51 14.85
C HIS B 185 2.24 -22.72 15.21
N LEU B 186 1.66 -23.90 15.31
CA LEU B 186 2.41 -25.12 15.62
C LEU B 186 2.70 -25.97 14.39
N GLY B 187 2.51 -25.44 13.19
CA GLY B 187 2.91 -26.17 12.01
C GLY B 187 1.95 -27.26 11.62
N ILE B 188 0.72 -27.23 12.11
CA ILE B 188 -0.22 -28.28 11.76
C ILE B 188 -0.90 -27.86 10.47
N GLU B 189 -1.04 -28.81 9.55
CA GLU B 189 -1.73 -28.57 8.30
C GLU B 189 -3.11 -27.97 8.54
N GLN B 190 -3.45 -26.94 7.76
CA GLN B 190 -4.71 -26.24 7.93
C GLN B 190 -5.86 -27.01 7.30
N SER B 191 -7.05 -26.80 7.85
CA SER B 191 -8.29 -27.39 7.35
C SER B 191 -9.41 -26.38 7.60
N ARG B 192 -10.65 -26.81 7.37
CA ARG B 192 -11.77 -25.89 7.47
C ARG B 192 -11.84 -25.23 8.85
N ARG B 193 -11.43 -25.93 9.89
CA ARG B 193 -11.49 -25.36 11.23
C ARG B 193 -10.66 -24.09 11.35
N ASP B 194 -9.52 -24.03 10.65
CA ASP B 194 -8.59 -22.92 10.83
C ASP B 194 -9.07 -21.64 10.17
N ASP B 195 -9.75 -21.75 9.02
CA ASP B 195 -10.42 -20.60 8.45
C ASP B 195 -11.43 -19.99 9.42
N LEU B 196 -12.19 -20.83 10.12
CA LEU B 196 -13.25 -20.29 10.99
C LEU B 196 -12.70 -19.75 12.30
N GLU B 197 -11.65 -20.38 12.85
CA GLU B 197 -10.97 -19.84 14.01
C GLU B 197 -10.37 -18.47 13.68
N SER B 198 -9.80 -18.33 12.48
CA SER B 198 -9.26 -17.04 12.09
C SER B 198 -10.36 -16.00 12.01
N LEU B 199 -11.54 -16.39 11.50
CA LEU B 199 -12.68 -15.48 11.53
C LEU B 199 -13.04 -15.09 12.97
N GLY B 200 -12.89 -16.01 13.92
CA GLY B 200 -13.16 -15.67 15.31
C GLY B 200 -12.27 -14.56 15.85
N TYR B 201 -10.96 -14.66 15.59
CA TYR B 201 -10.06 -13.61 16.06
C TYR B 201 -10.39 -12.29 15.37
N VAL B 202 -10.78 -12.37 14.10
CA VAL B 202 -11.18 -11.18 13.35
C VAL B 202 -12.36 -10.48 14.02
N LEU B 203 -13.39 -11.25 14.40
CA LEU B 203 -14.57 -10.65 15.00
C LEU B 203 -14.24 -10.00 16.34
N MET B 204 -13.41 -10.67 17.16
CA MET B 204 -13.03 -10.06 18.43
C MET B 204 -12.12 -8.87 18.21
N TYR B 205 -11.32 -8.90 17.15
CA TYR B 205 -10.54 -7.72 16.76
C TYR B 205 -11.46 -6.52 16.51
N PHE B 206 -12.56 -6.73 15.78
CA PHE B 206 -13.53 -5.66 15.56
C PHE B 206 -14.12 -5.18 16.89
N ASN B 207 -14.39 -6.11 17.80
CA ASN B 207 -15.04 -5.76 19.07
C ASN B 207 -14.12 -4.96 19.96
N LEU B 208 -12.85 -5.35 19.99
CA LEU B 208 -11.84 -4.75 20.87
C LEU B 208 -11.11 -3.57 20.27
N GLY B 209 -11.03 -3.47 18.95
CA GLY B 209 -10.14 -2.52 18.29
C GLY B 209 -8.72 -2.99 18.08
N SER B 210 -8.34 -4.13 18.67
CA SER B 210 -6.97 -4.62 18.64
C SER B 210 -6.94 -5.99 19.31
N LEU B 211 -5.87 -6.73 19.07
CA LEU B 211 -5.77 -8.02 19.76
C LEU B 211 -4.60 -7.99 20.74
N PRO B 212 -4.66 -8.77 21.83
CA PRO B 212 -3.59 -8.69 22.83
C PRO B 212 -2.22 -9.11 22.28
N TRP B 213 -2.18 -9.84 21.19
CA TRP B 213 -0.91 -10.21 20.57
C TRP B 213 -0.56 -9.33 19.39
N GLN B 214 -1.16 -8.15 19.28
CA GLN B 214 -0.95 -7.33 18.11
C GLN B 214 0.40 -6.63 18.14
N GLY B 215 0.50 -5.51 18.86
CA GLY B 215 1.70 -4.69 18.77
C GLY B 215 2.91 -5.27 19.45
N LEU B 216 3.44 -6.36 18.90
CA LEU B 216 4.59 -7.06 19.45
C LEU B 216 5.78 -6.81 18.53
N LYS B 217 6.79 -6.14 19.05
CA LYS B 217 7.99 -5.87 18.27
C LYS B 217 9.06 -6.91 18.57
N ALA B 218 9.70 -7.41 17.51
CA ALA B 218 10.80 -8.36 17.60
C ALA B 218 11.83 -7.96 16.56
N ALA B 219 12.79 -8.85 16.30
CA ALA B 219 13.75 -8.62 15.22
C ALA B 219 13.17 -9.13 13.92
N THR B 220 13.40 -10.40 13.59
CA THR B 220 12.83 -10.96 12.37
C THR B 220 11.32 -11.06 12.50
N LYS B 221 10.63 -10.94 11.36
CA LYS B 221 9.21 -11.22 11.31
C LYS B 221 8.90 -12.64 11.78
N ARG B 222 9.88 -13.53 11.73
CA ARG B 222 9.71 -14.89 12.17
C ARG B 222 9.98 -15.09 13.66
N GLN B 223 10.62 -14.14 14.33
CA GLN B 223 10.58 -14.08 15.79
C GLN B 223 9.43 -13.23 16.30
N LYS B 224 8.70 -12.56 15.40
CA LYS B 224 7.43 -11.95 15.76
C LYS B 224 6.30 -12.97 15.72
N TYR B 225 6.39 -13.94 14.80
CA TYR B 225 5.40 -15.02 14.80
C TYR B 225 5.52 -15.85 16.07
N GLU B 226 6.71 -15.90 16.65
CA GLU B 226 6.89 -16.61 17.90
C GLU B 226 6.31 -15.82 19.07
N ARG B 227 6.64 -14.53 19.18
CA ARG B 227 6.06 -13.73 20.26
C ARG B 227 4.53 -13.78 20.24
N ILE B 228 3.94 -13.61 19.05
CA ILE B 228 2.49 -13.71 18.88
C ILE B 228 1.99 -15.07 19.35
N SER B 229 2.75 -16.12 19.02
CA SER B 229 2.32 -17.49 19.29
C SER B 229 2.23 -17.77 20.79
N GLU B 230 3.25 -17.35 21.53
CA GLU B 230 3.20 -17.51 22.99
C GLU B 230 2.05 -16.71 23.59
N LYS B 231 1.90 -15.45 23.16
CA LYS B 231 0.85 -14.60 23.72
C LYS B 231 -0.54 -15.13 23.39
N LYS B 232 -0.75 -15.61 22.16
CA LYS B 232 -2.05 -16.14 21.79
C LYS B 232 -2.42 -17.32 22.66
N MET B 233 -1.45 -18.20 22.94
CA MET B 233 -1.73 -19.35 23.78
C MET B 233 -1.74 -19.00 25.25
N SER B 234 -0.98 -18.00 25.65
CA SER B 234 -1.06 -17.48 26.99
C SER B 234 -2.42 -16.87 27.30
N THR B 235 -3.25 -16.63 26.28
CA THR B 235 -4.50 -15.90 26.44
C THR B 235 -5.71 -16.81 26.34
N PRO B 236 -6.39 -17.12 27.43
CA PRO B 236 -7.57 -17.97 27.35
C PRO B 236 -8.71 -17.25 26.63
N ILE B 237 -9.54 -18.03 25.93
CA ILE B 237 -10.67 -17.46 25.18
C ILE B 237 -11.54 -16.63 26.12
N GLU B 238 -11.73 -17.12 27.35
CA GLU B 238 -12.60 -16.41 28.29
C GLU B 238 -12.03 -15.07 28.70
N VAL B 239 -10.70 -14.91 28.65
CA VAL B 239 -10.10 -13.61 28.94
C VAL B 239 -10.16 -12.72 27.71
N LEU B 240 -9.90 -13.28 26.54
CA LEU B 240 -9.92 -12.48 25.32
C LEU B 240 -11.31 -11.88 25.08
N CYS B 241 -12.37 -12.64 25.34
CA CYS B 241 -13.73 -12.19 25.06
C CYS B 241 -14.44 -11.71 26.30
N LYS B 242 -13.71 -11.26 27.30
CA LYS B 242 -14.33 -10.85 28.55
C LYS B 242 -15.01 -9.50 28.37
N GLY B 243 -16.18 -9.35 28.98
CA GLY B 243 -17.00 -8.17 28.77
C GLY B 243 -17.74 -8.13 27.45
N TYR B 244 -17.81 -9.23 26.70
CA TYR B 244 -18.53 -9.27 25.43
C TYR B 244 -19.45 -10.47 25.44
N PRO B 245 -20.49 -10.47 24.59
CA PRO B 245 -21.47 -11.56 24.64
C PRO B 245 -20.83 -12.94 24.50
N SER B 246 -21.35 -13.87 25.30
CA SER B 246 -20.86 -15.24 25.36
C SER B 246 -20.71 -15.88 23.99
N GLU B 247 -21.51 -15.45 23.02
CA GLU B 247 -21.48 -16.06 21.70
C GLU B 247 -20.07 -16.04 21.10
N PHE B 248 -19.31 -14.96 21.32
CA PHE B 248 -17.97 -14.88 20.72
C PHE B 248 -17.03 -15.88 21.36
N ALA B 249 -17.11 -16.01 22.69
CA ALA B 249 -16.34 -17.05 23.37
C ALA B 249 -16.73 -18.43 22.89
N THR B 250 -18.05 -18.67 22.75
CA THR B 250 -18.50 -19.98 22.27
C THR B 250 -18.00 -20.25 20.86
N TYR B 251 -18.13 -19.28 19.97
CA TYR B 251 -17.68 -19.45 18.60
C TYR B 251 -16.23 -19.91 18.58
N LEU B 252 -15.36 -19.23 19.32
CA LEU B 252 -13.93 -19.54 19.28
C LEU B 252 -13.63 -20.91 19.91
N ASN B 253 -14.30 -21.26 21.01
CA ASN B 253 -14.08 -22.58 21.62
C ASN B 253 -14.52 -23.71 20.69
N PHE B 254 -15.66 -23.52 20.01
CA PHE B 254 -16.20 -24.52 19.09
C PHE B 254 -15.28 -24.72 17.88
N CYS B 255 -14.63 -23.65 17.42
CA CYS B 255 -13.66 -23.78 16.32
C CYS B 255 -12.37 -24.42 16.81
N ARG B 256 -11.90 -24.06 18.00
CA ARG B 256 -10.72 -24.72 18.55
C ARG B 256 -10.93 -26.20 18.79
N SER B 257 -12.18 -26.63 18.96
CA SER B 257 -12.43 -28.02 19.31
C SER B 257 -12.77 -28.84 18.08
N LEU B 258 -12.87 -28.21 16.93
CA LEU B 258 -13.16 -29.00 15.71
C LEU B 258 -11.93 -29.83 15.40
N ARG B 259 -12.10 -31.07 15.03
CA ARG B 259 -10.86 -31.83 14.71
C ARG B 259 -10.55 -31.62 13.23
N PHE B 260 -9.32 -31.87 12.84
CA PHE B 260 -8.75 -31.69 11.48
C PHE B 260 -9.73 -32.04 10.38
N ASP B 261 -10.34 -33.22 10.46
CA ASP B 261 -11.26 -33.71 9.43
C ASP B 261 -12.66 -33.11 9.54
N ASP B 262 -13.05 -32.50 10.68
CA ASP B 262 -14.46 -32.15 10.88
C ASP B 262 -15.05 -31.29 9.78
N LYS B 263 -16.28 -31.64 9.37
CA LYS B 263 -17.05 -30.65 8.65
C LYS B 263 -17.70 -29.73 9.68
N PRO B 264 -17.31 -28.46 9.77
CA PRO B 264 -17.89 -27.59 10.79
C PRO B 264 -19.38 -27.37 10.55
N ASP B 265 -20.10 -27.12 11.64
CA ASP B 265 -21.55 -26.91 11.62
C ASP B 265 -21.80 -25.42 11.42
N TYR B 266 -21.84 -24.99 10.16
CA TYR B 266 -21.90 -23.56 9.90
C TYR B 266 -23.18 -22.95 10.41
N SER B 267 -24.32 -23.66 10.23
CA SER B 267 -25.60 -23.12 10.65
C SER B 267 -25.67 -22.97 12.16
N TYR B 268 -25.04 -23.88 12.93
CA TYR B 268 -24.93 -23.64 14.36
C TYR B 268 -24.18 -22.34 14.65
N LEU B 269 -23.04 -22.15 14.00
CA LEU B 269 -22.26 -20.93 14.23
C LEU B 269 -23.06 -19.71 13.81
N ARG B 270 -23.72 -19.79 12.65
CA ARG B 270 -24.49 -18.64 12.21
C ARG B 270 -25.62 -18.36 13.18
N GLN B 271 -26.13 -19.40 13.88
CA GLN B 271 -27.26 -18.96 14.67
C GLN B 271 -26.91 -18.49 16.05
N LEU B 272 -25.73 -18.82 16.58
CA LEU B 272 -25.28 -18.10 17.77
C LEU B 272 -25.45 -16.60 17.58
N PHE B 273 -24.98 -16.09 16.43
CA PHE B 273 -25.00 -14.65 16.17
C PHE B 273 -26.39 -14.16 15.78
N ARG B 274 -27.08 -14.92 14.93
CA ARG B 274 -28.44 -14.56 14.53
C ARG B 274 -29.36 -14.43 15.74
N ASN B 275 -29.16 -15.26 16.76
CA ASN B 275 -30.01 -15.20 17.95
C ASN B 275 -29.62 -14.04 18.85
N LEU B 276 -28.31 -13.86 19.04
CA LEU B 276 -27.84 -12.69 19.76
C LEU B 276 -28.41 -11.43 19.13
N PHE B 277 -28.42 -11.38 17.80
CA PHE B 277 -28.99 -10.25 17.08
C PHE B 277 -30.46 -10.02 17.48
N HIS B 278 -31.24 -11.11 17.54
CA HIS B 278 -32.66 -10.99 17.87
C HIS B 278 -32.85 -10.56 19.32
N ARG B 279 -32.08 -11.13 20.25
CA ARG B 279 -32.25 -10.78 21.65
C ARG B 279 -31.86 -9.35 21.94
N GLN B 280 -30.94 -8.78 21.16
CA GLN B 280 -30.55 -7.40 21.32
C GLN B 280 -31.53 -6.40 20.69
N GLY B 281 -32.50 -6.86 19.92
CA GLY B 281 -33.45 -5.92 19.34
C GLY B 281 -33.01 -5.28 18.05
N PHE B 282 -31.93 -5.73 17.43
CA PHE B 282 -31.49 -5.14 16.17
C PHE B 282 -32.41 -5.54 15.03
N SER B 283 -32.35 -4.75 13.96
CA SER B 283 -33.14 -4.98 12.76
C SER B 283 -32.24 -5.09 11.54
N TYR B 284 -32.72 -5.84 10.55
CA TYR B 284 -31.98 -6.05 9.32
C TYR B 284 -32.21 -4.87 8.37
N ASP B 285 -31.78 -3.67 8.79
CA ASP B 285 -31.86 -2.50 7.93
C ASP B 285 -30.54 -2.19 7.22
N TYR B 286 -29.48 -2.93 7.53
CA TYR B 286 -28.19 -2.79 6.86
C TYR B 286 -27.67 -1.37 6.91
N VAL B 287 -27.95 -0.71 8.02
CA VAL B 287 -27.35 0.57 8.36
C VAL B 287 -26.11 0.19 9.17
N PHE B 288 -24.99 0.06 8.48
CA PHE B 288 -23.73 -0.21 9.17
C PHE B 288 -23.22 1.07 9.83
N ASP B 289 -22.15 0.93 10.63
CA ASP B 289 -21.60 2.09 11.33
C ASP B 289 -21.09 3.16 10.36
N TRP B 290 -20.51 2.73 9.22
CA TRP B 290 -20.03 3.67 8.21
C TRP B 290 -21.15 4.27 7.39
N ASN B 291 -22.38 3.82 7.59
CA ASN B 291 -23.51 4.48 6.97
C ASN B 291 -23.94 5.71 7.74
N MET B 292 -23.41 5.92 8.94
CA MET B 292 -23.68 7.12 9.74
C MET B 292 -22.46 8.02 9.86
N LEU B 293 -21.56 8.00 8.89
CA LEU B 293 -20.39 8.87 8.90
C LEU B 293 -20.38 9.67 7.61
N LYS B 294 -19.80 10.87 7.66
CA LYS B 294 -19.53 11.63 6.43
C LYS B 294 -18.25 12.45 6.59
S SO4 C . 12.34 20.08 11.74
O1 SO4 C . 12.68 18.83 12.44
O2 SO4 C . 11.83 21.08 12.68
O3 SO4 C . 13.52 20.63 11.08
O4 SO4 C . 11.32 19.81 10.73
S SO4 D . 17.19 -0.09 3.06
O1 SO4 D . 17.46 -1.36 2.37
O2 SO4 D . 17.66 -0.16 4.43
O3 SO4 D . 17.85 1.03 2.38
O4 SO4 D . 15.74 0.15 3.08
S SO4 E . 18.73 32.84 -2.91
O1 SO4 E . 19.75 31.90 -2.49
O2 SO4 E . 17.65 32.87 -1.91
O3 SO4 E . 19.34 34.18 -3.02
O4 SO4 E . 18.21 32.46 -4.24
S SO4 F . 18.31 25.21 -18.64
O1 SO4 F . 18.46 23.98 -17.83
O2 SO4 F . 19.61 25.50 -19.28
O3 SO4 F . 17.92 26.32 -17.77
O4 SO4 F . 17.28 24.98 -19.66
S SO4 G . 20.90 1.62 -22.58
O1 SO4 G . 21.70 0.40 -22.68
O2 SO4 G . 20.69 1.99 -21.18
O3 SO4 G . 21.60 2.71 -23.26
O4 SO4 G . 19.61 1.38 -23.23
S SO4 H . 0.93 -7.29 14.04
O1 SO4 H . 1.82 -8.37 13.64
O2 SO4 H . 1.59 -6.26 14.85
O3 SO4 H . 0.49 -6.67 12.79
O4 SO4 H . -0.20 -7.82 14.81
S SO4 I . 2.45 -10.84 8.80
O1 SO4 I . 2.18 -12.28 8.67
O2 SO4 I . 2.25 -10.41 10.17
O3 SO4 I . 3.84 -10.59 8.42
O4 SO4 I . 1.54 -10.11 7.89
S SO4 J . 1.50 -25.38 0.61
O1 SO4 J . 2.06 -26.72 0.50
O2 SO4 J . 2.04 -24.72 1.80
O3 SO4 J . 1.85 -24.60 -0.58
O4 SO4 J . 0.04 -25.51 0.70
S SO4 K . -17.46 -33.74 4.50
O1 SO4 K . -18.77 -33.93 5.14
O2 SO4 K . -16.40 -33.77 5.51
O3 SO4 K . -17.46 -32.46 3.78
O4 SO4 K . -17.22 -34.82 3.54
S SO4 L . 14.76 -16.17 12.01
O1 SO4 L . 15.12 -17.59 12.06
O2 SO4 L . 14.39 -15.69 13.35
O3 SO4 L . 15.88 -15.40 11.53
O4 SO4 L . 13.66 -16.01 11.07
#